data_1S31
#
_entry.id   1S31
#
_cell.length_a   149.981
_cell.length_b   149.981
_cell.length_c   149.981
_cell.angle_alpha   90.000
_cell.angle_beta   90.000
_cell.angle_gamma   90.000
#
_symmetry.space_group_name_H-M   'I 2 3'
#
loop_
_entity.id
_entity.type
_entity.pdbx_description
1 polymer 'tubby isoform a'
2 non-polymer 'TRIETHYLENE GLYCOL'
3 water water
#
_entity_poly.entity_id   1
_entity_poly.type   'polypeptide(L)'
_entity_poly.pdbx_seq_one_letter_code
;APSPTAPEQPVDVEVQDLEEFALRPAPQGITIKCRITRDKKGMDRGMFPTYFLHLDREDGKKVFLLAGRKRKKSKTSNYL
ISVDPTDLSRGGDSYIGKLRSNLMGTKFTVYDNGVNPQKASSSTLESGTLRQELAAVCYETNVLGFKGPRKMSVIVPGMN
MVHERVSIRPRNEHETLLARWQNKNTESIIELQNKTPVWNDDTQSYVLNFHGRVTQASVKNFQIIHGNDPDYIVMQFGRV
AEDVFTMDYNYPLCALQAFAIALSSFDSKLACE
;
_entity_poly.pdbx_strand_id   A
#
loop_
_chem_comp.id
_chem_comp.type
_chem_comp.name
_chem_comp.formula
PGE non-polymer 'TRIETHYLENE GLYCOL' 'C6 H14 O4'
#
# COMPACT_ATOMS: atom_id res chain seq x y z
N ALA A 1 46.20 1.29 -13.08
CA ALA A 1 45.03 2.06 -13.57
C ALA A 1 43.82 1.73 -12.70
N PRO A 2 43.41 2.67 -11.85
CA PRO A 2 42.20 2.47 -11.07
C PRO A 2 41.00 2.33 -11.99
N SER A 3 39.92 1.77 -11.46
CA SER A 3 38.72 1.58 -12.23
C SER A 3 37.85 2.81 -12.04
N PRO A 4 37.10 3.18 -13.06
CA PRO A 4 36.17 4.31 -12.94
C PRO A 4 35.05 3.97 -11.98
N THR A 5 34.42 5.01 -11.44
CA THR A 5 33.17 4.88 -10.74
C THR A 5 32.09 5.41 -11.69
N ALA A 6 31.07 4.61 -11.94
CA ALA A 6 30.02 4.93 -12.85
C ALA A 6 28.81 5.35 -12.06
N PRO A 7 27.97 6.23 -12.61
CA PRO A 7 26.71 6.55 -12.00
C PRO A 7 25.68 5.42 -12.10
N GLU A 8 24.89 5.23 -11.06
CA GLU A 8 23.89 4.19 -11.11
C GLU A 8 22.84 4.56 -12.11
N GLN A 9 22.56 3.66 -13.05
CA GLN A 9 21.50 3.88 -14.06
C GLN A 9 20.24 3.15 -13.65
N PRO A 10 19.08 3.80 -13.65
CA PRO A 10 17.83 3.04 -13.39
C PRO A 10 17.59 2.08 -14.54
N VAL A 11 17.13 0.86 -14.24
CA VAL A 11 16.68 -0.08 -15.29
C VAL A 11 15.22 -0.39 -15.10
N ASP A 12 14.52 -0.54 -16.22
CA ASP A 12 13.08 -0.81 -16.21
C ASP A 12 12.88 -2.28 -15.89
N VAL A 13 12.18 -2.56 -14.79
CA VAL A 13 11.82 -3.93 -14.44
C VAL A 13 10.76 -4.39 -15.44
N GLU A 14 10.77 -5.66 -15.77
CA GLU A 14 9.73 -6.10 -16.66
C GLU A 14 8.65 -6.94 -15.98
N VAL A 15 7.53 -6.98 -16.67
CA VAL A 15 6.32 -7.58 -16.18
C VAL A 15 5.81 -8.63 -17.17
N GLN A 16 5.69 -9.86 -16.71
CA GLN A 16 4.96 -10.88 -17.47
C GLN A 16 3.62 -11.01 -16.72
N ASP A 17 3.45 -12.04 -15.92
CA ASP A 17 2.20 -12.24 -15.22
C ASP A 17 1.98 -11.12 -14.18
N LEU A 18 0.82 -10.48 -14.24
CA LEU A 18 0.50 -9.36 -13.37
C LEU A 18 0.32 -9.77 -11.91
N GLU A 19 -0.33 -10.90 -11.64
CA GLU A 19 -0.46 -11.36 -10.27
C GLU A 19 0.93 -11.69 -9.65
N GLU A 20 1.74 -12.40 -10.41
CA GLU A 20 3.07 -12.70 -9.98
C GLU A 20 3.84 -11.42 -9.67
N PHE A 21 3.80 -10.45 -10.57
CA PHE A 21 4.46 -9.17 -10.30
C PHE A 21 3.98 -8.50 -9.03
N ALA A 22 2.66 -8.39 -8.91
CA ALA A 22 2.04 -7.67 -7.80
C ALA A 22 2.43 -8.21 -6.43
N LEU A 23 2.72 -9.51 -6.35
CA LEU A 23 3.20 -10.12 -5.08
C LEU A 23 4.71 -10.20 -4.91
N ARG A 24 5.46 -9.70 -5.88
CA ARG A 24 6.89 -9.85 -5.83
C ARG A 24 7.55 -8.66 -5.09
N PRO A 25 8.28 -8.95 -4.03
CA PRO A 25 9.01 -7.92 -3.34
C PRO A 25 9.90 -7.18 -4.32
N ALA A 26 9.93 -5.85 -4.23
CA ALA A 26 10.92 -5.10 -4.98
C ALA A 26 12.30 -5.70 -4.64
N PRO A 27 13.14 -5.97 -5.61
CA PRO A 27 14.48 -6.47 -5.31
C PRO A 27 15.39 -5.46 -4.62
N GLN A 28 16.35 -5.99 -3.92
CA GLN A 28 17.32 -5.16 -3.24
C GLN A 28 18.00 -4.16 -4.19
N GLY A 29 18.02 -2.88 -3.78
CA GLY A 29 18.68 -1.86 -4.56
C GLY A 29 17.79 -1.19 -5.61
N ILE A 30 16.62 -1.75 -5.87
CA ILE A 30 15.77 -1.29 -6.93
C ILE A 30 14.49 -0.62 -6.45
N THR A 31 14.26 0.58 -6.93
CA THR A 31 13.03 1.28 -6.67
C THR A 31 12.07 1.09 -7.84
N ILE A 32 10.84 0.67 -7.54
CA ILE A 32 9.81 0.50 -8.56
C ILE A 32 9.01 1.78 -8.52
N LYS A 33 9.12 2.59 -9.56
CA LYS A 33 8.41 3.86 -9.64
C LYS A 33 7.07 3.72 -10.36
N CYS A 34 6.01 4.25 -9.77
CA CYS A 34 4.66 4.17 -10.34
C CYS A 34 3.87 5.44 -10.18
N ARG A 35 2.73 5.47 -10.87
CA ARG A 35 1.72 6.46 -10.56
C ARG A 35 0.38 5.86 -10.44
N ILE A 36 -0.40 6.48 -9.57
CA ILE A 36 -1.75 6.13 -9.34
C ILE A 36 -2.63 7.22 -9.95
N THR A 37 -3.58 6.80 -10.76
CA THR A 37 -4.48 7.72 -11.39
C THR A 37 -5.86 7.46 -10.85
N ARG A 38 -6.49 8.50 -10.29
CA ARG A 38 -7.90 8.42 -9.87
C ARG A 38 -8.77 8.75 -11.06
N ASP A 39 -9.48 7.75 -11.55
CA ASP A 39 -10.40 7.97 -12.65
C ASP A 39 -11.78 8.30 -12.12
N LYS A 40 -12.28 9.49 -12.43
CA LYS A 40 -13.55 9.99 -11.90
C LYS A 40 -14.78 9.65 -12.75
N LYS A 41 -14.59 8.93 -13.84
CA LYS A 41 -15.69 8.39 -14.63
C LYS A 41 -16.69 7.72 -13.71
N GLY A 42 -17.96 8.04 -13.84
CA GLY A 42 -18.98 7.40 -13.05
C GLY A 42 -19.29 8.11 -11.75
N MET A 43 -18.50 9.10 -11.35
CA MET A 43 -18.83 9.81 -10.12
C MET A 43 -20.10 10.63 -10.25
N ASP A 44 -20.37 11.13 -11.44
CA ASP A 44 -21.60 11.83 -11.69
C ASP A 44 -22.86 10.95 -11.43
N ARG A 45 -22.68 9.63 -11.53
CA ARG A 45 -23.76 8.67 -11.35
C ARG A 45 -23.81 8.06 -9.94
N GLY A 46 -22.87 8.46 -9.07
CA GLY A 46 -22.87 8.03 -7.70
C GLY A 46 -21.97 6.86 -7.46
N MET A 47 -20.99 6.73 -8.33
CA MET A 47 -20.14 5.56 -8.45
C MET A 47 -18.80 5.89 -7.78
N PHE A 48 -18.20 4.95 -7.03
CA PHE A 48 -16.89 5.23 -6.43
C PHE A 48 -15.84 5.20 -7.52
N PRO A 49 -14.84 6.06 -7.49
CA PRO A 49 -13.83 6.08 -8.57
C PRO A 49 -12.99 4.84 -8.57
N THR A 50 -12.38 4.55 -9.72
CA THR A 50 -11.42 3.48 -9.87
C THR A 50 -10.05 4.09 -9.88
N TYR A 51 -9.15 3.49 -9.10
CA TYR A 51 -7.77 3.93 -9.05
C TYR A 51 -6.92 2.95 -9.85
N PHE A 52 -6.08 3.48 -10.75
CA PHE A 52 -5.22 2.66 -11.64
C PHE A 52 -3.75 2.81 -11.28
N LEU A 53 -3.07 1.70 -11.06
CA LEU A 53 -1.62 1.74 -10.81
C LEU A 53 -0.87 1.38 -12.08
N HIS A 54 -0.02 2.29 -12.53
CA HIS A 54 0.75 2.07 -13.74
C HIS A 54 2.20 2.18 -13.42
N LEU A 55 3.02 1.30 -13.97
CA LEU A 55 4.45 1.44 -13.80
C LEU A 55 4.93 2.61 -14.63
N ASP A 56 5.77 3.42 -14.02
CA ASP A 56 6.21 4.71 -14.55
C ASP A 56 7.63 4.55 -15.15
N ARG A 57 7.71 4.06 -16.39
CA ARG A 57 9.01 3.69 -16.97
C ARG A 57 9.93 4.84 -17.37
N GLU A 58 11.23 4.53 -17.42
CA GLU A 58 12.25 5.48 -17.84
C GLU A 58 12.00 5.92 -19.28
N ASP A 59 11.77 4.97 -20.19
CA ASP A 59 11.42 5.37 -21.58
C ASP A 59 10.12 6.16 -21.74
N GLY A 60 9.40 6.41 -20.66
CA GLY A 60 8.17 7.18 -20.74
C GLY A 60 6.90 6.35 -20.84
N LYS A 61 6.98 5.06 -21.15
CA LYS A 61 5.76 4.20 -21.25
C LYS A 61 5.13 3.84 -19.88
N LYS A 62 3.82 3.68 -19.87
CA LYS A 62 3.09 3.41 -18.67
C LYS A 62 2.52 1.99 -18.79
N VAL A 63 2.87 1.11 -17.88
CA VAL A 63 2.42 -0.26 -17.97
C VAL A 63 1.42 -0.53 -16.85
N PHE A 64 0.22 -0.98 -17.23
CA PHE A 64 -0.84 -1.25 -16.23
C PHE A 64 -0.39 -2.31 -15.25
N LEU A 65 -0.65 -2.09 -13.96
CA LEU A 65 -0.28 -3.10 -12.96
C LEU A 65 -1.46 -3.60 -12.17
N LEU A 66 -2.19 -2.68 -11.58
CA LEU A 66 -3.29 -2.99 -10.68
C LEU A 66 -4.39 -1.94 -10.80
N ALA A 67 -5.60 -2.31 -10.39
CA ALA A 67 -6.67 -1.36 -10.23
C ALA A 67 -7.30 -1.57 -8.90
N GLY A 68 -7.86 -0.53 -8.32
CA GLY A 68 -8.55 -0.63 -7.03
C GLY A 68 -9.82 0.19 -7.05
N ARG A 69 -10.83 -0.29 -6.34
CA ARG A 69 -12.10 0.41 -6.31
C ARG A 69 -12.87 0.06 -5.06
N LYS A 70 -13.51 1.04 -4.45
CA LYS A 70 -14.34 0.76 -3.28
C LYS A 70 -15.64 0.05 -3.64
N ARG A 71 -16.00 -0.96 -2.85
CA ARG A 71 -17.22 -1.74 -3.04
C ARG A 71 -18.44 -0.91 -2.77
N LYS A 72 -19.48 -1.11 -3.59
CA LYS A 72 -20.68 -0.30 -3.48
C LYS A 72 -21.29 -0.37 -2.07
N LYS A 73 -21.65 -1.58 -1.65
CA LYS A 73 -22.43 -1.77 -0.43
C LYS A 73 -21.64 -2.65 0.52
N SER A 74 -20.94 -1.98 1.44
CA SER A 74 -20.53 -2.57 2.72
C SER A 74 -20.73 -1.49 3.81
N LYS A 75 -21.17 -1.91 4.99
CA LYS A 75 -21.25 -0.99 6.15
C LYS A 75 -19.97 -1.10 6.99
N THR A 76 -18.82 -1.33 6.33
CA THR A 76 -17.49 -1.00 6.87
C THR A 76 -16.86 -0.12 5.81
N SER A 77 -16.16 -0.71 4.86
CA SER A 77 -15.47 0.03 3.83
C SER A 77 -14.48 -0.93 3.24
N ASN A 78 -14.64 -1.30 1.98
CA ASN A 78 -13.59 -2.05 1.41
C ASN A 78 -13.38 -1.95 -0.06
N TYR A 79 -12.14 -2.22 -0.42
CA TYR A 79 -11.70 -2.09 -1.78
C TYR A 79 -11.35 -3.46 -2.33
N LEU A 80 -11.67 -3.65 -3.61
CA LEU A 80 -11.12 -4.79 -4.33
C LEU A 80 -9.90 -4.30 -5.10
N ILE A 81 -8.86 -5.13 -5.15
CA ILE A 81 -7.67 -4.84 -5.95
C ILE A 81 -7.54 -5.96 -6.96
N SER A 82 -7.40 -5.57 -8.21
CA SER A 82 -7.58 -6.47 -9.33
C SER A 82 -6.57 -6.23 -10.43
N VAL A 83 -6.24 -7.29 -11.16
CA VAL A 83 -5.38 -7.22 -12.34
C VAL A 83 -6.21 -7.16 -13.62
N ASP A 84 -7.53 -7.09 -13.48
CA ASP A 84 -8.46 -6.88 -14.61
C ASP A 84 -9.15 -5.47 -14.51
N PRO A 85 -8.59 -4.46 -15.17
CA PRO A 85 -9.14 -3.11 -15.06
C PRO A 85 -10.58 -2.97 -15.58
N THR A 86 -10.90 -3.66 -16.68
CA THR A 86 -12.23 -3.53 -17.25
C THR A 86 -13.24 -4.08 -16.28
N ASP A 87 -12.94 -5.26 -15.75
CA ASP A 87 -13.85 -5.91 -14.84
C ASP A 87 -14.07 -5.04 -13.61
N LEU A 88 -13.01 -4.46 -13.06
CA LEU A 88 -13.19 -3.67 -11.84
C LEU A 88 -13.92 -2.33 -12.12
N SER A 89 -13.44 -1.62 -13.12
CA SER A 89 -13.96 -0.31 -13.43
C SER A 89 -15.42 -0.37 -13.89
N ARG A 90 -15.89 -1.53 -14.33
CA ARG A 90 -17.24 -1.68 -14.89
C ARG A 90 -18.21 -2.49 -14.01
N GLY A 91 -17.83 -2.78 -12.77
CA GLY A 91 -18.78 -3.29 -11.78
C GLY A 91 -18.57 -4.74 -11.38
N GLY A 92 -17.57 -5.39 -11.96
CA GLY A 92 -17.25 -6.78 -11.62
C GLY A 92 -16.56 -6.94 -10.28
N ASP A 93 -16.34 -8.19 -9.89
CA ASP A 93 -15.80 -8.46 -8.59
C ASP A 93 -14.63 -9.44 -8.57
N SER A 94 -13.84 -9.49 -9.63
CA SER A 94 -12.66 -10.35 -9.60
C SER A 94 -11.57 -9.59 -8.87
N TYR A 95 -10.71 -10.27 -8.16
CA TYR A 95 -9.71 -9.60 -7.32
C TYR A 95 -8.61 -10.54 -6.93
N ILE A 96 -7.40 -10.01 -6.78
CA ILE A 96 -6.29 -10.74 -6.16
C ILE A 96 -6.04 -10.30 -4.73
N GLY A 97 -6.60 -9.18 -4.32
CA GLY A 97 -6.53 -8.76 -2.93
C GLY A 97 -7.69 -7.86 -2.56
N LYS A 98 -7.85 -7.63 -1.27
CA LYS A 98 -8.93 -6.76 -0.84
C LYS A 98 -8.56 -6.05 0.42
N LEU A 99 -8.99 -4.81 0.51
CA LEU A 99 -8.61 -3.94 1.60
C LEU A 99 -9.85 -3.70 2.47
N ARG A 100 -9.77 -4.06 3.74
CA ARG A 100 -10.91 -3.96 4.63
C ARG A 100 -10.61 -3.03 5.79
N SER A 101 -11.51 -2.12 6.11
CA SER A 101 -11.27 -1.28 7.27
C SER A 101 -12.17 -1.63 8.44
N ASN A 102 -11.83 -1.13 9.62
CA ASN A 102 -12.74 -1.26 10.76
C ASN A 102 -13.89 -0.24 10.64
N LEU A 103 -14.84 -0.31 11.56
CA LEU A 103 -15.92 0.65 11.59
C LEU A 103 -15.40 2.11 11.56
N MET A 104 -14.39 2.41 12.38
CA MET A 104 -13.98 3.80 12.61
C MET A 104 -13.21 4.42 11.47
N GLY A 105 -12.75 3.63 10.52
CA GLY A 105 -11.79 4.10 9.52
C GLY A 105 -10.32 4.07 9.92
N THR A 106 -10.01 3.72 11.17
CA THR A 106 -8.64 3.85 11.66
C THR A 106 -7.75 2.63 11.45
N LYS A 107 -8.32 1.48 11.06
CA LYS A 107 -7.54 0.25 10.92
C LYS A 107 -7.95 -0.46 9.66
N PHE A 108 -6.97 -0.94 8.90
CA PHE A 108 -7.22 -1.59 7.63
C PHE A 108 -6.43 -2.88 7.55
N THR A 109 -6.95 -3.86 6.83
CA THR A 109 -6.22 -5.09 6.64
C THR A 109 -6.24 -5.41 5.19
N VAL A 110 -5.12 -5.86 4.67
CA VAL A 110 -5.00 -6.26 3.28
C VAL A 110 -4.91 -7.77 3.24
N TYR A 111 -5.83 -8.39 2.52
CA TYR A 111 -5.85 -9.83 2.33
C TYR A 111 -5.64 -10.18 0.89
N ASP A 112 -5.29 -11.43 0.63
CA ASP A 112 -5.24 -11.96 -0.72
C ASP A 112 -6.55 -12.69 -1.04
N ASN A 113 -6.61 -13.32 -2.20
CA ASN A 113 -7.87 -13.88 -2.69
C ASN A 113 -8.14 -15.31 -2.25
N GLY A 114 -7.63 -15.70 -1.08
CA GLY A 114 -7.94 -16.99 -0.52
C GLY A 114 -9.20 -16.90 0.30
N VAL A 115 -9.50 -18.00 1.01
CA VAL A 115 -10.76 -18.19 1.75
C VAL A 115 -10.85 -17.50 3.13
N ASN A 116 -11.92 -16.75 3.38
CA ASN A 116 -12.17 -16.18 4.71
C ASN A 116 -12.32 -17.32 5.71
N PRO A 117 -11.57 -17.30 6.82
CA PRO A 117 -11.74 -18.30 7.88
C PRO A 117 -13.03 -18.12 8.73
N GLN A 118 -14.11 -17.63 8.11
CA GLN A 118 -15.45 -17.65 8.70
C GLN A 118 -16.44 -17.89 7.55
N LYS A 119 -16.41 -19.10 7.00
CA LYS A 119 -17.32 -19.47 5.90
C LYS A 119 -18.05 -20.82 6.13
N ALA A 120 -18.00 -21.35 7.37
CA ALA A 120 -18.49 -22.71 7.74
C ALA A 120 -17.61 -23.85 7.18
N SER A 121 -16.35 -23.52 6.85
CA SER A 121 -15.40 -24.44 6.19
C SER A 121 -14.34 -25.05 7.14
N SER A 122 -14.64 -26.26 7.62
CA SER A 122 -13.74 -27.08 8.45
C SER A 122 -12.65 -27.77 7.61
N SER A 123 -13.08 -28.27 6.45
CA SER A 123 -12.22 -28.84 5.41
C SER A 123 -11.02 -27.94 5.07
N THR A 124 -11.30 -26.65 4.89
CA THR A 124 -10.30 -25.72 4.38
C THR A 124 -9.28 -25.24 5.43
N LEU A 125 -9.62 -25.29 6.72
CA LEU A 125 -8.85 -24.57 7.77
C LEU A 125 -7.36 -25.01 7.96
N GLU A 126 -6.84 -25.84 7.05
CA GLU A 126 -5.56 -26.56 7.29
C GLU A 126 -4.29 -26.19 6.45
N SER A 127 -4.33 -26.17 5.10
CA SER A 127 -3.14 -25.75 4.30
C SER A 127 -3.39 -25.14 2.90
N GLY A 128 -3.04 -23.87 2.71
CA GLY A 128 -2.90 -23.25 1.38
C GLY A 128 -4.12 -22.66 0.67
N THR A 129 -5.33 -22.95 1.16
CA THR A 129 -6.53 -22.31 0.65
C THR A 129 -6.92 -21.06 1.46
N LEU A 130 -6.52 -21.04 2.73
CA LEU A 130 -6.87 -19.97 3.67
C LEU A 130 -6.28 -18.61 3.32
N ARG A 131 -7.01 -17.60 3.77
CA ARG A 131 -6.75 -16.21 3.49
C ARG A 131 -5.40 -15.78 4.07
N GLN A 132 -4.60 -15.16 3.21
CA GLN A 132 -3.30 -14.62 3.57
C GLN A 132 -3.43 -13.16 3.99
N GLU A 133 -2.81 -12.80 5.11
CA GLU A 133 -2.72 -11.38 5.48
C GLU A 133 -1.39 -10.80 4.95
N LEU A 134 -1.53 -9.71 4.22
CA LEU A 134 -0.43 -9.10 3.50
C LEU A 134 0.03 -7.81 4.13
N ALA A 135 -0.88 -7.10 4.79
CA ALA A 135 -0.55 -5.84 5.44
C ALA A 135 -1.68 -5.42 6.35
N ALA A 136 -1.35 -4.63 7.36
CA ALA A 136 -2.34 -4.03 8.24
C ALA A 136 -1.90 -2.58 8.40
N VAL A 137 -2.83 -1.64 8.35
CA VAL A 137 -2.47 -0.23 8.48
C VAL A 137 -3.26 0.32 9.62
N CYS A 138 -2.59 1.08 10.46
CA CYS A 138 -3.25 1.67 11.57
C CYS A 138 -3.00 3.17 11.61
N TYR A 139 -4.07 3.95 11.68
CA TYR A 139 -3.97 5.41 11.73
C TYR A 139 -4.26 5.93 13.12
N GLU A 140 -3.40 6.79 13.63
CA GLU A 140 -3.56 7.34 14.95
C GLU A 140 -4.65 8.42 14.97
N THR A 141 -5.46 8.45 16.03
CA THR A 141 -6.44 9.54 16.22
C THR A 141 -5.78 10.55 17.15
N ASN A 142 -6.26 11.80 17.12
CA ASN A 142 -5.61 12.90 17.89
C ASN A 142 -6.57 13.90 18.60
N VAL A 143 -5.99 14.91 19.29
CA VAL A 143 -6.73 15.88 20.14
C VAL A 143 -7.24 17.11 19.34
N LEU A 144 -8.35 16.91 18.62
CA LEU A 144 -8.92 17.92 17.68
C LEU A 144 -8.02 18.10 16.41
N GLY A 145 -7.11 17.14 16.20
CA GLY A 145 -6.18 17.09 15.03
C GLY A 145 -4.92 17.93 15.19
N PHE A 146 -4.35 17.92 16.39
CA PHE A 146 -3.49 19.02 16.97
C PHE A 146 -2.39 19.66 16.09
N LYS A 147 -2.75 20.22 14.93
CA LYS A 147 -1.79 20.88 14.05
C LYS A 147 -0.61 19.93 13.82
N GLY A 148 -0.89 18.81 13.18
CA GLY A 148 0.14 17.79 12.96
C GLY A 148 -0.29 16.87 11.86
N PRO A 149 0.67 16.37 11.08
CA PRO A 149 0.34 15.41 10.03
C PRO A 149 -0.12 14.07 10.56
N ARG A 150 -0.85 13.34 9.73
CA ARG A 150 -1.30 11.99 10.03
C ARG A 150 -0.15 11.10 10.49
N LYS A 151 -0.44 10.25 11.45
CA LYS A 151 0.50 9.25 11.90
C LYS A 151 -0.03 7.90 11.53
N MET A 152 0.87 7.07 11.02
CA MET A 152 0.43 5.76 10.64
C MET A 152 1.47 4.73 10.97
N SER A 153 1.01 3.54 11.34
CA SER A 153 1.91 2.38 11.38
C SER A 153 1.46 1.29 10.46
N VAL A 154 2.41 0.53 9.93
CA VAL A 154 2.11 -0.46 8.91
C VAL A 154 2.79 -1.73 9.30
N ILE A 155 2.06 -2.85 9.31
CA ILE A 155 2.64 -4.11 9.71
C ILE A 155 2.57 -5.09 8.58
N VAL A 156 3.69 -5.77 8.32
CA VAL A 156 3.73 -6.70 7.20
C VAL A 156 4.39 -8.01 7.63
N PRO A 157 4.13 -9.08 6.88
CA PRO A 157 4.79 -10.37 7.11
C PRO A 157 6.30 -10.21 6.98
N GLY A 158 7.05 -10.89 7.85
CA GLY A 158 8.50 -10.81 7.84
C GLY A 158 9.06 -11.47 6.58
N MET A 159 10.36 -11.30 6.38
CA MET A 159 11.04 -11.90 5.24
C MET A 159 11.99 -12.98 5.73
N ASN A 160 12.17 -14.02 4.93
CA ASN A 160 13.15 -15.05 5.19
C ASN A 160 14.55 -14.62 4.67
N MET A 161 15.54 -15.51 4.75
CA MET A 161 16.92 -15.14 4.35
C MET A 161 17.23 -15.37 2.88
N VAL A 162 16.24 -15.83 2.13
CA VAL A 162 16.32 -15.85 0.68
C VAL A 162 15.41 -14.69 0.19
N HIS A 163 15.16 -13.76 1.10
CA HIS A 163 14.50 -12.49 0.82
C HIS A 163 13.16 -12.62 0.16
N GLU A 164 12.43 -13.64 0.58
CA GLU A 164 11.03 -13.76 0.19
C GLU A 164 10.13 -13.67 1.44
N ARG A 165 8.87 -13.37 1.20
CA ARG A 165 7.93 -13.04 2.23
C ARG A 165 7.45 -14.28 2.85
N VAL A 166 7.37 -14.31 4.16
CA VAL A 166 6.80 -15.41 4.90
C VAL A 166 5.33 -15.53 4.46
N SER A 167 4.51 -16.29 5.17
CA SER A 167 3.11 -16.34 4.84
C SER A 167 2.35 -16.33 6.13
N ILE A 168 1.34 -15.49 6.22
CA ILE A 168 0.56 -15.42 7.42
C ILE A 168 -0.89 -15.67 7.10
N ARG A 169 -1.33 -16.88 7.48
CA ARG A 169 -2.69 -17.32 7.28
C ARG A 169 -3.38 -17.46 8.61
N PRO A 170 -3.88 -16.38 9.19
CA PRO A 170 -4.54 -16.44 10.49
C PRO A 170 -5.71 -17.44 10.54
N ARG A 171 -5.69 -18.28 11.57
CA ARG A 171 -6.81 -19.19 11.84
C ARG A 171 -7.76 -18.62 12.91
N ASN A 172 -7.27 -17.70 13.74
CA ASN A 172 -8.11 -17.09 14.78
C ASN A 172 -7.64 -15.66 15.01
N GLU A 173 -8.42 -14.88 15.75
CA GLU A 173 -8.08 -13.48 16.03
C GLU A 173 -6.68 -13.35 16.66
N HIS A 174 -6.22 -14.41 17.32
CA HIS A 174 -4.90 -14.41 17.96
C HIS A 174 -3.74 -14.27 16.96
N GLU A 175 -3.92 -14.78 15.73
CA GLU A 175 -2.84 -14.82 14.70
C GLU A 175 -2.90 -13.76 13.58
N THR A 176 -3.72 -12.71 13.72
CA THR A 176 -3.71 -11.63 12.72
C THR A 176 -2.45 -10.80 12.84
N LEU A 177 -2.15 -10.04 11.79
CA LEU A 177 -1.05 -9.11 11.84
C LEU A 177 -1.22 -8.11 12.98
N LEU A 178 -2.44 -7.59 13.17
CA LEU A 178 -2.68 -6.57 14.20
C LEU A 178 -2.48 -7.15 15.59
N ALA A 179 -3.08 -8.33 15.82
CA ALA A 179 -2.88 -9.07 17.08
C ALA A 179 -1.42 -9.28 17.48
N ARG A 180 -0.60 -9.77 16.55
CA ARG A 180 0.81 -10.07 16.84
C ARG A 180 1.59 -8.81 17.20
N TRP A 181 1.18 -7.68 16.64
CA TRP A 181 1.82 -6.41 16.97
C TRP A 181 1.41 -5.97 18.36
N GLN A 182 0.09 -5.92 18.57
CA GLN A 182 -0.49 -5.57 19.88
C GLN A 182 0.06 -6.47 20.97
N ASN A 183 0.13 -7.78 20.71
CA ASN A 183 0.62 -8.74 21.70
C ASN A 183 2.11 -8.98 21.64
N LYS A 184 2.82 -8.18 20.84
CA LYS A 184 4.26 -8.26 20.72
C LYS A 184 4.82 -9.64 20.31
N ASN A 185 4.09 -10.35 19.43
CA ASN A 185 4.60 -11.55 18.74
C ASN A 185 5.31 -11.14 17.44
N THR A 186 6.51 -10.59 17.61
CA THR A 186 7.20 -9.84 16.56
C THR A 186 8.23 -10.67 15.81
N GLU A 187 8.20 -11.99 15.94
CA GLU A 187 9.16 -12.85 15.23
C GLU A 187 8.85 -12.93 13.71
N SER A 188 7.57 -12.89 13.39
CA SER A 188 7.08 -13.26 12.09
C SER A 188 6.67 -12.05 11.21
N ILE A 189 6.92 -10.84 11.71
CA ILE A 189 6.40 -9.62 11.11
C ILE A 189 7.41 -8.47 11.11
N ILE A 190 7.07 -7.40 10.42
CA ILE A 190 7.90 -6.19 10.35
C ILE A 190 7.04 -5.00 10.67
N GLU A 191 7.52 -4.14 11.57
CA GLU A 191 6.79 -2.94 11.95
C GLU A 191 7.34 -1.71 11.27
N LEU A 192 6.53 -1.15 10.41
CA LEU A 192 6.87 0.06 9.71
C LEU A 192 6.06 1.23 10.24
N GLN A 193 6.47 2.44 9.88
CA GLN A 193 5.69 3.61 10.24
C GLN A 193 5.93 4.73 9.21
N ASN A 194 5.13 5.80 9.29
CA ASN A 194 5.36 6.90 8.38
C ASN A 194 6.51 7.74 8.91
N LYS A 195 7.35 8.24 8.02
CA LYS A 195 8.48 9.07 8.40
C LYS A 195 7.94 10.41 8.87
N THR A 196 8.48 10.92 9.96
CA THR A 196 8.05 12.17 10.56
C THR A 196 8.31 13.37 9.68
N PRO A 197 7.28 14.09 9.27
CA PRO A 197 7.47 15.33 8.56
C PRO A 197 8.14 16.35 9.43
N VAL A 198 9.09 17.08 8.85
CA VAL A 198 9.86 18.03 9.62
C VAL A 198 9.26 19.42 9.47
N TRP A 199 8.98 20.03 10.60
CA TRP A 199 8.47 21.36 10.67
C TRP A 199 9.55 22.36 10.25
N ASN A 200 9.18 23.18 9.27
CA ASN A 200 10.08 24.14 8.66
C ASN A 200 9.56 25.52 8.97
N ASP A 201 10.30 26.27 9.78
CA ASP A 201 9.78 27.55 10.26
C ASP A 201 9.73 28.62 9.16
N ASP A 202 10.62 28.54 8.16
CA ASP A 202 10.54 29.47 7.02
C ASP A 202 9.21 29.30 6.30
N THR A 203 8.95 28.10 5.80
CA THR A 203 7.74 27.87 5.01
C THR A 203 6.48 27.78 5.86
N GLN A 204 6.62 27.68 7.19
CA GLN A 204 5.49 27.42 8.06
C GLN A 204 4.71 26.19 7.61
N SER A 205 5.44 25.11 7.34
CA SER A 205 4.82 23.91 6.84
C SER A 205 5.65 22.72 7.23
N TYR A 206 5.06 21.55 7.12
CA TYR A 206 5.75 20.30 7.39
C TYR A 206 6.29 19.76 6.07
N VAL A 207 7.54 19.30 6.03
CA VAL A 207 8.06 18.83 4.77
C VAL A 207 8.81 17.54 4.82
N LEU A 208 8.85 16.87 3.70
CA LEU A 208 9.72 15.75 3.47
C LEU A 208 10.33 15.93 2.11
N ASN A 209 11.46 15.28 1.88
CA ASN A 209 12.08 15.25 0.56
C ASN A 209 11.63 14.03 -0.24
N PHE A 210 10.83 14.29 -1.27
CA PHE A 210 10.33 13.23 -2.15
C PHE A 210 11.16 13.20 -3.45
N HIS A 211 12.27 13.93 -3.46
CA HIS A 211 13.26 13.85 -4.53
C HIS A 211 12.70 14.07 -5.90
N GLY A 212 11.79 15.03 -6.01
CA GLY A 212 11.28 15.49 -7.29
C GLY A 212 10.01 14.80 -7.72
N ARG A 213 9.63 13.72 -7.05
CA ARG A 213 8.52 12.91 -7.51
C ARG A 213 7.14 13.26 -6.97
N VAL A 214 7.10 14.18 -5.99
CA VAL A 214 5.86 14.73 -5.45
C VAL A 214 5.98 16.25 -5.52
N THR A 215 4.95 16.92 -6.01
CA THR A 215 5.05 18.33 -6.31
C THR A 215 3.97 19.15 -5.68
N GLN A 216 3.03 18.56 -4.98
CA GLN A 216 1.94 19.33 -4.42
C GLN A 216 1.66 18.86 -3.01
N ALA A 217 1.50 19.83 -2.11
CA ALA A 217 1.25 19.53 -0.72
C ALA A 217 -0.11 18.86 -0.60
N SER A 218 -0.20 17.91 0.33
CA SER A 218 -1.39 17.15 0.57
C SER A 218 -1.23 16.39 1.86
N VAL A 219 -2.33 16.30 2.56
CA VAL A 219 -2.52 15.47 3.72
C VAL A 219 -2.29 13.97 3.43
N LYS A 220 -2.37 13.57 2.17
CA LYS A 220 -2.15 12.19 1.79
C LYS A 220 -0.72 11.86 1.45
N ASN A 221 0.17 12.85 1.37
CA ASN A 221 1.58 12.59 1.04
C ASN A 221 2.25 11.93 2.23
N PHE A 222 2.98 10.87 1.98
CA PHE A 222 3.72 10.25 3.04
C PHE A 222 4.92 9.44 2.56
N GLN A 223 5.75 9.03 3.51
CA GLN A 223 6.80 8.08 3.27
C GLN A 223 6.79 7.03 4.37
N ILE A 224 7.06 5.78 4.02
CA ILE A 224 7.09 4.71 4.99
C ILE A 224 8.55 4.28 5.18
N ILE A 225 8.91 4.06 6.44
CA ILE A 225 10.23 3.61 6.84
C ILE A 225 10.13 2.54 7.93
N HIS A 226 11.25 1.81 8.12
CA HIS A 226 11.51 1.06 9.35
C HIS A 226 11.96 2.12 10.33
N GLY A 227 11.31 2.17 11.50
CA GLY A 227 11.58 3.20 12.50
C GLY A 227 13.03 3.37 12.82
N ASN A 228 13.79 2.30 12.84
CA ASN A 228 15.17 2.44 13.22
C ASN A 228 16.10 2.60 12.01
N ASP A 229 15.55 2.85 10.83
CA ASP A 229 16.33 3.10 9.63
C ASP A 229 15.63 4.18 8.81
N PRO A 230 15.51 5.36 9.37
CA PRO A 230 14.78 6.47 8.73
C PRO A 230 15.32 7.01 7.40
N ASP A 231 16.58 6.79 7.04
CA ASP A 231 17.05 7.23 5.73
C ASP A 231 16.58 6.37 4.54
N TYR A 232 16.19 5.14 4.80
CA TYR A 232 15.86 4.23 3.74
C TYR A 232 14.37 4.32 3.55
N ILE A 233 13.95 4.90 2.44
CA ILE A 233 12.52 5.02 2.17
C ILE A 233 11.92 3.75 1.56
N VAL A 234 11.05 3.08 2.31
CA VAL A 234 10.43 1.82 1.90
C VAL A 234 9.35 2.05 0.84
N MET A 235 8.53 3.07 1.06
CA MET A 235 7.66 3.56 0.02
C MET A 235 7.36 5.00 0.22
N GLN A 236 7.01 5.67 -0.87
CA GLN A 236 6.54 7.02 -0.78
C GLN A 236 5.38 7.22 -1.73
N PHE A 237 4.50 8.13 -1.34
CA PHE A 237 3.27 8.35 -2.04
C PHE A 237 2.95 9.80 -1.94
N GLY A 238 2.61 10.43 -3.05
CA GLY A 238 2.34 11.87 -3.00
C GLY A 238 1.71 12.44 -4.26
N ARG A 239 1.10 13.61 -4.11
CA ARG A 239 0.36 14.22 -5.17
C ARG A 239 1.26 14.94 -6.21
N VAL A 240 0.96 14.71 -7.50
CA VAL A 240 1.56 15.50 -8.57
C VAL A 240 0.54 16.26 -9.43
N ALA A 241 -0.76 16.01 -9.25
CA ALA A 241 -1.81 16.70 -10.03
C ALA A 241 -3.14 16.45 -9.33
N GLU A 242 -4.21 16.98 -9.91
CA GLU A 242 -5.54 16.87 -9.30
C GLU A 242 -5.91 15.41 -9.03
N ASP A 243 -5.73 14.55 -10.04
CA ASP A 243 -6.15 13.16 -9.92
C ASP A 243 -5.00 12.19 -10.16
N VAL A 244 -3.77 12.65 -9.93
CA VAL A 244 -2.64 11.76 -10.07
C VAL A 244 -1.55 11.95 -9.05
N PHE A 245 -1.08 10.80 -8.55
CA PHE A 245 -0.15 10.67 -7.47
C PHE A 245 0.98 9.74 -7.87
N THR A 246 2.19 9.96 -7.35
CA THR A 246 3.22 8.96 -7.54
C THR A 246 3.22 8.02 -6.38
N MET A 247 3.69 6.81 -6.68
CA MET A 247 3.87 5.79 -5.66
C MET A 247 5.09 4.97 -6.01
N ASP A 248 6.08 5.05 -5.13
CA ASP A 248 7.34 4.35 -5.29
C ASP A 248 7.60 3.42 -4.14
N TYR A 249 8.00 2.20 -4.43
CA TYR A 249 8.26 1.26 -3.36
C TYR A 249 9.59 0.56 -3.59
N ASN A 250 10.09 0.04 -2.46
CA ASN A 250 11.36 -0.64 -2.31
C ASN A 250 11.20 -1.86 -1.43
N TYR A 251 12.24 -2.71 -1.42
CA TYR A 251 12.26 -3.89 -0.59
C TYR A 251 11.97 -3.47 0.83
N PRO A 252 11.04 -4.11 1.53
CA PRO A 252 10.51 -5.43 1.28
C PRO A 252 9.17 -5.51 0.56
N LEU A 253 8.57 -4.37 0.28
CA LEU A 253 7.19 -4.33 -0.15
C LEU A 253 7.05 -4.82 -1.58
N CYS A 254 5.86 -5.35 -1.89
CA CYS A 254 5.47 -5.61 -3.26
C CYS A 254 4.40 -4.64 -3.69
N ALA A 255 4.16 -4.56 -4.98
CA ALA A 255 3.12 -3.64 -5.53
C ALA A 255 1.78 -3.69 -4.80
N LEU A 256 1.32 -4.87 -4.41
CA LEU A 256 -0.02 -5.00 -3.84
C LEU A 256 -0.08 -4.44 -2.42
N GLN A 257 0.96 -4.69 -1.65
CA GLN A 257 1.06 -4.04 -0.32
C GLN A 257 1.09 -2.53 -0.46
N ALA A 258 1.95 -2.03 -1.34
CA ALA A 258 2.14 -0.59 -1.43
C ALA A 258 0.88 0.11 -1.92
N PHE A 259 0.25 -0.49 -2.95
CA PHE A 259 -0.97 0.06 -3.49
C PHE A 259 -2.03 0.04 -2.43
N ALA A 260 -2.16 -1.10 -1.76
CA ALA A 260 -3.16 -1.19 -0.70
C ALA A 260 -2.97 -0.11 0.34
N ILE A 261 -1.72 0.13 0.73
CA ILE A 261 -1.43 1.14 1.72
C ILE A 261 -1.83 2.50 1.20
N ALA A 262 -1.47 2.78 -0.05
CA ALA A 262 -1.80 4.06 -0.64
C ALA A 262 -3.30 4.21 -0.66
N LEU A 263 -4.02 3.19 -1.11
CA LEU A 263 -5.47 3.27 -1.16
C LEU A 263 -6.08 3.62 0.18
N SER A 264 -5.53 3.08 1.26
CA SER A 264 -6.04 3.36 2.60
C SER A 264 -6.01 4.85 2.93
N SER A 265 -5.03 5.56 2.41
CA SER A 265 -4.96 6.98 2.64
C SER A 265 -6.09 7.73 1.90
N PHE A 266 -6.60 7.23 0.79
CA PHE A 266 -7.74 7.89 0.16
C PHE A 266 -9.01 7.77 0.92
N ASP A 267 -9.20 6.70 1.68
CA ASP A 267 -10.49 6.50 2.31
C ASP A 267 -10.76 7.58 3.34
N SER A 268 -9.71 7.80 4.13
CA SER A 268 -9.82 8.20 5.52
C SER A 268 -11.02 9.07 5.82
N LYS A 269 -11.81 8.56 6.77
CA LYS A 269 -12.67 9.33 7.65
C LYS A 269 -11.70 10.14 8.59
N LEU A 270 -12.17 11.28 9.08
CA LEU A 270 -11.29 12.46 9.19
C LEU A 270 -10.92 12.79 7.72
N ALA A 271 -11.95 12.72 6.85
CA ALA A 271 -11.80 12.64 5.38
C ALA A 271 -11.34 13.96 4.78
N CYS A 272 -10.04 14.03 4.46
CA CYS A 272 -9.39 15.29 4.11
C CYS A 272 -8.76 15.27 2.70
N GLU A 273 -9.51 15.77 1.72
CA GLU A 273 -9.07 15.84 0.31
C1 PGE B . -3.63 6.51 -16.89
O1 PGE B . -2.56 6.32 -17.87
C2 PGE B . -5.04 6.23 -17.42
O2 PGE B . -5.65 5.06 -16.82
C3 PGE B . -5.79 4.00 -17.79
C4 PGE B . -6.44 2.72 -17.21
O4 PGE B . -3.65 0.73 -19.36
C6 PGE B . -4.85 -0.04 -19.04
C5 PGE B . -5.57 0.49 -17.80
O3 PGE B . -6.41 1.62 -18.12
#